data_7XET
#
_entry.id   7XET
#
_cell.length_a   92.720
_cell.length_b   92.720
_cell.length_c   128.510
_cell.angle_alpha   90.000
_cell.angle_beta   90.000
_cell.angle_gamma   120.000
#
_symmetry.space_group_name_H-M   'P 31 2 1'
#
loop_
_entity.id
_entity.type
_entity.pdbx_description
1 polymer 'Cysteine desulfurase SufS'
2 non-polymer '(2~{E})-3-cyano-2-[[2-methyl-3-oxidanyl-5-(phosphonooxymethyl)pyridin-4-yl]methylimino]propanoic acid'
3 non-polymer DI(HYDROXYETHYL)ETHER
4 non-polymer 'TRIETHYLENE GLYCOL'
5 water water
#
_entity_poly.entity_id   1
_entity_poly.type   'polypeptide(L)'
_entity_poly.pdbx_seq_one_letter_code
;MGHMNITDIREQFPILHQQVNGHDLVYLDSAATSQKPRAVIETLDKYYNQYNSNVHRGVHTLGTRATDGYEGAREKVRKF
INAKSMAEIIFTKGTTTSLNMVALSYARANLKPGDEVVITYMEHHANIIPWQQAVKATGATLKYIPLQEDGTISLEDVRE
TVTSNTKIVAVSHVSNVLGTVNPIKEMAKIAHDNGAVIVVDGAQSTPHMKIDVQDLDCDFFALSSHKMCGPTGVGVLYGK
KALLENMEPAEFGGEMIDFVGLYESTWKELPWKFEAGTPIIAGAIGLGAAIDFLEEIGLDEISRHEHKLAAYALERFRQL
DGVTVYGPEERAGLVTFNLDDVHPHDVATVLDAEGIAVRAGHHCAQPLMKWLDVTATARASFYLYNTEEEIDKLVEALQK
TKEYFTNVFVDLEHHHHHH
;
_entity_poly.pdbx_strand_id   A
#
# COMPACT_ATOMS: atom_id res chain seq x y z
N MET A 4 18.71 -15.86 -2.36
CA MET A 4 18.28 -14.55 -3.06
C MET A 4 19.50 -13.75 -3.53
N ASN A 5 19.78 -13.74 -4.85
CA ASN A 5 20.90 -13.04 -5.48
C ASN A 5 20.46 -11.68 -6.05
N ILE A 6 20.99 -10.58 -5.50
CA ILE A 6 20.52 -9.25 -5.82
C ILE A 6 20.96 -8.86 -7.24
N THR A 7 22.12 -9.38 -7.70
CA THR A 7 22.55 -9.09 -9.06
C THR A 7 21.56 -9.74 -10.03
N ASP A 8 21.13 -10.98 -9.74
CA ASP A 8 20.17 -11.64 -10.62
C ASP A 8 18.82 -10.93 -10.63
N ILE A 9 18.44 -10.36 -9.48
CA ILE A 9 17.18 -9.68 -9.34
C ILE A 9 17.22 -8.38 -10.15
N ARG A 10 18.27 -7.57 -9.99
CA ARG A 10 18.42 -6.26 -10.65
C ARG A 10 18.50 -6.44 -12.17
N GLU A 11 19.03 -7.56 -12.61
CA GLU A 11 19.11 -7.83 -14.04
C GLU A 11 17.70 -7.90 -14.65
N GLN A 12 16.66 -8.16 -13.85
CA GLN A 12 15.29 -8.35 -14.38
C GLN A 12 14.57 -6.99 -14.56
N PHE A 13 15.13 -5.89 -14.04
CA PHE A 13 14.50 -4.58 -14.01
C PHE A 13 15.20 -3.64 -14.99
N PRO A 14 14.77 -3.58 -16.27
CA PRO A 14 15.52 -2.76 -17.23
C PRO A 14 15.70 -1.33 -16.74
N ILE A 15 14.73 -0.78 -16.02
CA ILE A 15 14.77 0.66 -15.75
C ILE A 15 15.96 1.03 -14.83
N LEU A 16 16.56 0.05 -14.14
CA LEU A 16 17.59 0.37 -13.17
C LEU A 16 18.90 0.71 -13.90
N HIS A 17 19.05 0.30 -15.17
CA HIS A 17 20.37 0.39 -15.80
C HIS A 17 20.46 1.64 -16.64
N GLN A 18 20.53 2.82 -16.01
CA GLN A 18 20.55 4.04 -16.79
C GLN A 18 21.22 5.07 -15.90
N GLN A 19 21.55 6.22 -16.47
CA GLN A 19 22.15 7.27 -15.67
C GLN A 19 21.21 8.46 -15.55
N VAL A 20 21.32 9.20 -14.46
CA VAL A 20 20.54 10.41 -14.38
C VAL A 20 21.56 11.49 -14.05
N ASN A 21 21.60 12.59 -14.82
CA ASN A 21 22.55 13.67 -14.51
C ASN A 21 24.00 13.14 -14.51
N GLY A 22 24.30 12.18 -15.37
CA GLY A 22 25.66 11.66 -15.51
C GLY A 22 26.05 10.66 -14.40
N HIS A 23 25.11 10.28 -13.52
CA HIS A 23 25.45 9.31 -12.47
C HIS A 23 24.56 8.09 -12.60
N ASP A 24 25.06 6.93 -12.16
CA ASP A 24 24.18 5.78 -12.24
C ASP A 24 22.93 6.08 -11.41
N LEU A 25 21.75 5.67 -11.91
CA LEU A 25 20.52 5.87 -11.18
C LEU A 25 20.58 5.10 -9.86
N VAL A 26 20.16 5.76 -8.75
CA VAL A 26 19.98 5.04 -7.49
C VAL A 26 18.54 5.29 -7.08
N TYR A 27 17.67 4.30 -7.31
CA TYR A 27 16.24 4.51 -7.09
C TYR A 27 15.90 4.09 -5.65
N LEU A 28 15.51 5.07 -4.80
CA LEU A 28 15.24 4.82 -3.38
C LEU A 28 13.89 5.46 -3.05
N ASP A 29 12.91 5.20 -3.95
CA ASP A 29 11.58 5.80 -3.83
C ASP A 29 10.49 4.75 -4.05
N SER A 30 10.77 3.46 -3.70
CA SER A 30 9.82 2.36 -3.89
C SER A 30 8.56 2.51 -3.04
N ALA A 31 8.61 3.31 -1.94
CA ALA A 31 7.34 3.52 -1.22
C ALA A 31 6.38 4.41 -2.03
N ALA A 32 6.92 5.23 -2.96
CA ALA A 32 6.04 6.05 -3.82
C ALA A 32 5.54 5.16 -4.96
N THR A 33 6.44 4.38 -5.57
CA THR A 33 6.04 3.38 -6.55
C THR A 33 7.24 2.45 -6.78
N SER A 34 6.97 1.19 -7.10
CA SER A 34 8.03 0.23 -7.39
C SER A 34 8.26 0.11 -8.91
N GLN A 35 9.43 -0.43 -9.28
CA GLN A 35 9.82 -0.69 -10.66
C GLN A 35 9.35 -2.10 -11.00
N LYS A 36 9.28 -2.45 -12.30
CA LYS A 36 8.71 -3.71 -12.77
C LYS A 36 9.78 -4.62 -13.38
N PRO A 37 9.72 -5.94 -13.17
CA PRO A 37 10.64 -6.85 -13.85
C PRO A 37 10.12 -7.18 -15.25
N ARG A 38 10.99 -7.72 -16.11
CA ARG A 38 10.60 -8.13 -17.44
C ARG A 38 9.36 -9.02 -17.42
N ALA A 39 9.25 -9.94 -16.46
CA ALA A 39 8.14 -10.89 -16.39
C ALA A 39 6.80 -10.12 -16.42
N VAL A 40 6.77 -8.92 -15.78
CA VAL A 40 5.53 -8.18 -15.69
C VAL A 40 5.24 -7.45 -17.01
N ILE A 41 6.26 -6.79 -17.57
CA ILE A 41 6.09 -5.96 -18.75
C ILE A 41 5.72 -6.85 -19.96
N GLU A 42 6.44 -7.99 -20.05
CA GLU A 42 6.18 -8.97 -21.09
C GLU A 42 4.82 -9.63 -20.91
N THR A 43 4.29 -9.62 -19.67
CA THR A 43 2.95 -10.12 -19.51
C THR A 43 1.96 -9.18 -20.22
N LEU A 44 2.12 -7.87 -19.99
CA LEU A 44 1.27 -6.89 -20.64
C LEU A 44 1.44 -7.01 -22.17
N ASP A 45 2.68 -7.13 -22.67
CA ASP A 45 2.90 -7.18 -24.10
C ASP A 45 2.19 -8.39 -24.69
N LYS A 46 2.33 -9.53 -24.01
CA LYS A 46 1.78 -10.73 -24.57
C LYS A 46 0.25 -10.59 -24.56
N TYR A 47 -0.31 -9.92 -23.53
CA TYR A 47 -1.74 -9.76 -23.49
C TYR A 47 -2.18 -8.92 -24.71
N TYR A 48 -1.51 -7.80 -24.94
CA TYR A 48 -2.02 -6.98 -26.03
C TYR A 48 -1.63 -7.48 -27.42
N ASN A 49 -0.56 -8.30 -27.50
CA ASN A 49 -0.05 -8.78 -28.76
C ASN A 49 -0.89 -9.98 -29.17
N GLN A 50 -1.54 -10.67 -28.21
CA GLN A 50 -1.96 -12.04 -28.47
C GLN A 50 -3.41 -12.38 -28.09
N TYR A 51 -3.95 -11.87 -26.98
CA TYR A 51 -5.27 -12.42 -26.57
C TYR A 51 -6.19 -11.34 -25.95
N ASN A 52 -5.90 -10.04 -26.14
CA ASN A 52 -6.82 -8.98 -25.75
C ASN A 52 -8.23 -9.19 -26.29
N SER A 53 -9.21 -9.07 -25.40
CA SER A 53 -10.62 -9.13 -25.73
C SER A 53 -11.39 -8.78 -24.47
N ASN A 54 -12.70 -8.51 -24.59
CA ASN A 54 -13.47 -8.25 -23.39
C ASN A 54 -13.71 -9.58 -22.70
N VAL A 55 -14.12 -9.58 -21.42
CA VAL A 55 -14.14 -10.77 -20.59
C VAL A 55 -15.58 -11.13 -20.23
N HIS A 56 -15.80 -12.36 -19.77
CA HIS A 56 -17.06 -12.87 -19.19
C HIS A 56 -18.12 -13.24 -20.22
N ARG A 57 -17.90 -12.96 -21.51
CA ARG A 57 -18.83 -13.49 -22.50
C ARG A 57 -18.58 -14.98 -22.73
N GLY A 58 -17.33 -15.34 -23.09
CA GLY A 58 -16.98 -16.72 -23.38
C GLY A 58 -17.71 -17.25 -24.60
N VAL A 59 -17.62 -16.52 -25.72
CA VAL A 59 -18.14 -17.06 -26.96
C VAL A 59 -17.05 -17.14 -28.03
N HIS A 60 -16.05 -16.26 -28.02
CA HIS A 60 -14.98 -16.48 -28.97
C HIS A 60 -13.68 -16.85 -28.25
N THR A 61 -12.75 -17.45 -29.00
CA THR A 61 -11.45 -17.87 -28.47
C THR A 61 -10.73 -16.75 -27.71
N LEU A 62 -10.46 -15.58 -28.33
CA LEU A 62 -9.69 -14.60 -27.57
C LEU A 62 -10.45 -14.18 -26.30
N GLY A 63 -11.78 -14.08 -26.40
CA GLY A 63 -12.60 -13.70 -25.26
C GLY A 63 -12.44 -14.68 -24.08
N THR A 64 -12.41 -15.97 -24.38
CA THR A 64 -12.19 -17.03 -23.38
C THR A 64 -10.79 -16.86 -22.77
N ARG A 65 -9.75 -16.73 -23.60
CA ARG A 65 -8.41 -16.54 -23.10
C ARG A 65 -8.31 -15.30 -22.18
N ALA A 66 -8.90 -14.17 -22.59
CA ALA A 66 -8.80 -12.96 -21.77
C ALA A 66 -9.45 -13.22 -20.40
N THR A 67 -10.66 -13.81 -20.42
CA THR A 67 -11.43 -14.13 -19.23
C THR A 67 -10.64 -15.07 -18.30
N ASP A 68 -10.03 -16.13 -18.88
CA ASP A 68 -9.24 -17.08 -18.10
C ASP A 68 -8.03 -16.39 -17.47
N GLY A 69 -7.43 -15.43 -18.20
CA GLY A 69 -6.32 -14.64 -17.66
C GLY A 69 -6.77 -13.82 -16.44
N TYR A 70 -7.86 -13.09 -16.63
CA TYR A 70 -8.36 -12.17 -15.63
C TYR A 70 -8.83 -12.95 -14.40
N GLU A 71 -9.69 -13.98 -14.59
CA GLU A 71 -10.14 -14.79 -13.47
C GLU A 71 -8.97 -15.51 -12.81
N GLY A 72 -8.03 -16.08 -13.59
CA GLY A 72 -6.81 -16.71 -13.10
C GLY A 72 -6.02 -15.76 -12.18
N ALA A 73 -5.96 -14.48 -12.55
CA ALA A 73 -5.22 -13.55 -11.69
C ALA A 73 -5.95 -13.37 -10.35
N ARG A 74 -7.29 -13.37 -10.35
CA ARG A 74 -8.07 -13.30 -9.12
C ARG A 74 -7.65 -14.45 -8.20
N GLU A 75 -7.46 -15.65 -8.78
CA GLU A 75 -7.07 -16.82 -7.98
C GLU A 75 -5.66 -16.61 -7.39
N LYS A 76 -4.74 -16.11 -8.25
CA LYS A 76 -3.38 -15.80 -7.80
C LYS A 76 -3.42 -14.80 -6.64
N VAL A 77 -4.28 -13.78 -6.69
CA VAL A 77 -4.36 -12.83 -5.58
C VAL A 77 -4.91 -13.52 -4.31
N ARG A 78 -5.97 -14.33 -4.49
CA ARG A 78 -6.54 -15.10 -3.39
C ARG A 78 -5.49 -15.92 -2.64
N LYS A 79 -4.72 -16.74 -3.35
CA LYS A 79 -3.72 -17.58 -2.71
C LYS A 79 -2.67 -16.66 -2.09
N PHE A 80 -2.30 -15.55 -2.75
CA PHE A 80 -1.21 -14.68 -2.30
C PHE A 80 -1.50 -14.07 -0.93
N ILE A 81 -2.75 -13.73 -0.63
CA ILE A 81 -2.99 -13.12 0.68
C ILE A 81 -3.72 -14.14 1.56
N ASN A 82 -3.88 -15.39 1.07
CA ASN A 82 -4.53 -16.45 1.82
C ASN A 82 -5.99 -16.13 2.21
N ALA A 83 -6.77 -15.50 1.33
CA ALA A 83 -8.21 -15.46 1.44
C ALA A 83 -8.79 -16.86 1.25
N LYS A 84 -9.98 -17.06 1.82
CA LYS A 84 -10.66 -18.34 1.63
C LYS A 84 -11.22 -18.45 0.22
N SER A 85 -11.71 -17.32 -0.37
CA SER A 85 -12.53 -17.40 -1.57
C SER A 85 -12.23 -16.24 -2.53
N MET A 86 -12.18 -16.55 -3.83
CA MET A 86 -12.27 -15.57 -4.89
C MET A 86 -13.44 -14.60 -4.68
N ALA A 87 -14.52 -15.00 -3.97
CA ALA A 87 -15.62 -14.05 -3.79
C ALA A 87 -15.18 -12.89 -2.90
N GLU A 88 -14.07 -13.06 -2.16
CA GLU A 88 -13.58 -12.01 -1.26
C GLU A 88 -12.51 -11.12 -1.92
N ILE A 89 -12.17 -11.37 -3.18
CA ILE A 89 -11.14 -10.62 -3.88
C ILE A 89 -11.82 -9.72 -4.92
N ILE A 90 -11.80 -8.41 -4.72
CA ILE A 90 -12.35 -7.46 -5.69
C ILE A 90 -11.19 -6.64 -6.29
N PHE A 91 -11.14 -6.60 -7.62
CA PHE A 91 -10.13 -5.77 -8.25
C PHE A 91 -10.67 -4.34 -8.25
N THR A 92 -9.82 -3.35 -7.88
CA THR A 92 -10.21 -1.94 -7.91
C THR A 92 -9.08 -1.17 -8.61
N LYS A 93 -9.19 0.19 -8.67
CA LYS A 93 -8.11 0.98 -9.22
C LYS A 93 -6.90 1.10 -8.28
N GLY A 94 -7.06 0.79 -6.97
CA GLY A 94 -5.93 1.01 -6.06
C GLY A 94 -6.40 1.01 -4.61
N THR A 95 -5.43 1.12 -3.69
CA THR A 95 -5.71 1.15 -2.25
C THR A 95 -6.76 2.21 -1.96
N THR A 96 -6.53 3.40 -2.54
CA THR A 96 -7.40 4.54 -2.26
C THR A 96 -8.84 4.19 -2.59
N THR A 97 -9.08 3.74 -3.85
CA THR A 97 -10.43 3.35 -4.21
C THR A 97 -10.96 2.24 -3.30
N SER A 98 -10.14 1.21 -3.03
CA SER A 98 -10.56 0.13 -2.13
C SER A 98 -11.07 0.68 -0.79
N LEU A 99 -10.27 1.58 -0.16
CA LEU A 99 -10.67 2.12 1.12
C LEU A 99 -11.95 2.98 1.00
N ASN A 100 -12.10 3.76 -0.10
CA ASN A 100 -13.33 4.49 -0.34
C ASN A 100 -14.56 3.59 -0.45
N MET A 101 -14.38 2.42 -1.06
CA MET A 101 -15.53 1.54 -1.22
C MET A 101 -16.01 1.12 0.18
N VAL A 102 -15.07 0.83 1.10
CA VAL A 102 -15.48 0.36 2.40
C VAL A 102 -16.22 1.52 3.07
N ALA A 103 -15.69 2.75 2.89
CA ALA A 103 -16.24 3.94 3.52
C ALA A 103 -17.64 4.19 2.96
N LEU A 104 -17.79 4.04 1.65
CA LEU A 104 -19.09 4.29 1.03
C LEU A 104 -20.12 3.21 1.37
N SER A 105 -19.80 1.95 1.04
CA SER A 105 -20.74 0.84 1.10
C SER A 105 -20.86 0.26 2.49
N TYR A 106 -19.78 0.29 3.29
CA TYR A 106 -19.94 -0.29 4.62
C TYR A 106 -20.22 0.83 5.62
N ALA A 107 -19.29 1.77 5.79
CA ALA A 107 -19.43 2.82 6.78
C ALA A 107 -20.74 3.58 6.62
N ARG A 108 -21.02 4.16 5.46
CA ARG A 108 -22.14 5.09 5.33
C ARG A 108 -23.49 4.42 5.58
N ALA A 109 -23.53 3.10 5.58
CA ALA A 109 -24.74 2.31 5.72
C ALA A 109 -24.83 1.71 7.13
N ASN A 110 -23.80 1.88 7.98
CA ASN A 110 -23.76 1.20 9.27
C ASN A 110 -23.31 2.15 10.38
N LEU A 111 -23.41 3.48 10.16
CA LEU A 111 -22.99 4.43 11.19
C LEU A 111 -24.19 5.30 11.55
N LYS A 112 -24.40 5.49 12.84
CA LYS A 112 -25.44 6.40 13.29
C LYS A 112 -24.87 7.29 14.38
N PRO A 113 -25.46 8.48 14.67
CA PRO A 113 -24.94 9.31 15.75
C PRO A 113 -24.61 8.47 16.99
N GLY A 114 -23.44 8.73 17.62
CA GLY A 114 -22.98 7.96 18.75
C GLY A 114 -22.00 6.85 18.38
N ASP A 115 -22.02 6.42 17.10
CA ASP A 115 -21.07 5.43 16.59
C ASP A 115 -19.67 6.07 16.41
N GLU A 116 -18.63 5.27 16.58
CA GLU A 116 -17.28 5.80 16.43
C GLU A 116 -16.53 5.10 15.28
N VAL A 117 -15.74 5.89 14.52
CA VAL A 117 -14.69 5.33 13.67
C VAL A 117 -13.34 5.69 14.32
N VAL A 118 -12.48 4.68 14.54
CA VAL A 118 -11.19 4.88 15.19
C VAL A 118 -10.09 4.66 14.17
N ILE A 119 -9.23 5.70 14.00
CA ILE A 119 -8.03 5.66 13.17
C ILE A 119 -6.81 6.03 14.02
N THR A 120 -5.66 6.34 13.41
CA THR A 120 -4.45 6.65 14.15
C THR A 120 -3.83 7.87 13.50
N TYR A 121 -2.85 8.48 14.17
CA TYR A 121 -2.30 9.74 13.73
C TYR A 121 -1.32 9.52 12.59
N MET A 122 -0.90 8.25 12.41
CA MET A 122 0.15 7.97 11.46
C MET A 122 -0.42 7.65 10.07
N GLU A 123 -1.75 7.56 9.91
CA GLU A 123 -2.42 7.12 8.66
C GLU A 123 -2.09 8.02 7.45
N HIS A 124 -1.86 7.36 6.30
CA HIS A 124 -1.89 8.04 5.00
C HIS A 124 -3.28 8.63 4.79
N HIS A 125 -3.37 9.76 4.08
CA HIS A 125 -4.67 10.36 3.71
C HIS A 125 -5.74 9.36 3.22
N ALA A 126 -5.34 8.38 2.39
CA ALA A 126 -6.29 7.45 1.79
C ALA A 126 -7.06 6.76 2.91
N ASN A 127 -6.43 6.63 4.09
CA ASN A 127 -7.05 5.97 5.22
C ASN A 127 -7.48 7.04 6.26
N ILE A 128 -7.69 8.29 5.80
CA ILE A 128 -8.20 9.35 6.65
C ILE A 128 -9.47 9.99 6.04
N ILE A 129 -9.32 10.58 4.84
CA ILE A 129 -10.37 11.43 4.30
C ILE A 129 -11.64 10.62 4.12
N PRO A 130 -11.61 9.35 3.65
CA PRO A 130 -12.88 8.63 3.46
C PRO A 130 -13.70 8.54 4.74
N TRP A 131 -13.00 8.43 5.86
CA TRP A 131 -13.63 8.28 7.17
C TRP A 131 -14.15 9.63 7.66
N GLN A 132 -13.39 10.71 7.41
CA GLN A 132 -13.86 12.07 7.66
C GLN A 132 -15.24 12.25 7.03
N GLN A 133 -15.36 11.84 5.76
CA GLN A 133 -16.54 12.12 4.94
C GLN A 133 -17.70 11.26 5.42
N ALA A 134 -17.36 10.02 5.76
CA ALA A 134 -18.34 9.05 6.19
C ALA A 134 -18.96 9.43 7.55
N VAL A 135 -18.14 9.95 8.48
CA VAL A 135 -18.68 10.36 9.79
C VAL A 135 -19.52 11.63 9.63
N LYS A 136 -19.04 12.57 8.82
CA LYS A 136 -19.80 13.76 8.49
C LYS A 136 -21.12 13.35 7.86
N ALA A 137 -21.12 12.43 6.88
CA ALA A 137 -22.38 12.07 6.24
C ALA A 137 -23.38 11.49 7.26
N THR A 138 -22.92 10.86 8.34
CA THR A 138 -23.79 10.05 9.19
C THR A 138 -23.96 10.68 10.59
N GLY A 139 -23.33 11.84 10.85
CA GLY A 139 -23.28 12.42 12.18
C GLY A 139 -22.60 11.50 13.21
N ALA A 140 -21.77 10.55 12.78
CA ALA A 140 -21.02 9.72 13.72
C ALA A 140 -19.77 10.50 14.20
N THR A 141 -18.85 9.85 14.93
CA THR A 141 -17.69 10.54 15.51
C THR A 141 -16.38 9.87 15.10
N LEU A 142 -15.38 10.69 14.75
CA LEU A 142 -14.08 10.13 14.42
C LEU A 142 -13.11 10.33 15.58
N LYS A 143 -12.36 9.30 16.00
CA LYS A 143 -11.36 9.34 17.05
C LYS A 143 -10.00 8.83 16.54
N TYR A 144 -8.92 9.31 17.15
CA TYR A 144 -7.56 8.88 16.81
C TYR A 144 -6.91 8.17 18.00
N ILE A 145 -6.31 7.01 17.75
CA ILE A 145 -5.44 6.35 18.71
C ILE A 145 -4.15 7.15 18.77
N PRO A 146 -3.67 7.55 19.98
CA PRO A 146 -2.39 8.27 20.09
C PRO A 146 -1.21 7.37 19.71
N LEU A 147 -0.06 8.01 19.43
CA LEU A 147 1.18 7.30 19.17
C LEU A 147 2.11 7.45 20.38
N GLN A 148 2.90 6.41 20.65
CA GLN A 148 3.98 6.52 21.58
C GLN A 148 5.13 7.27 20.92
N GLU A 149 6.16 7.60 21.72
CA GLU A 149 7.16 8.57 21.33
C GLU A 149 8.02 8.06 20.19
N ASP A 150 8.23 6.74 20.10
CA ASP A 150 8.98 6.20 18.98
C ASP A 150 8.08 6.01 17.71
N GLY A 151 6.84 6.50 17.72
CA GLY A 151 5.93 6.31 16.58
C GLY A 151 5.34 4.90 16.44
N THR A 152 5.26 4.11 17.50
CA THR A 152 4.52 2.86 17.48
C THR A 152 3.22 3.04 18.27
N ILE A 153 2.37 2.01 18.26
CA ILE A 153 1.08 2.08 18.91
C ILE A 153 1.10 1.08 20.05
N SER A 154 0.56 1.45 21.22
CA SER A 154 0.49 0.46 22.32
C SER A 154 -0.89 -0.15 22.33
N LEU A 155 -0.98 -1.45 22.65
CA LEU A 155 -2.30 -2.08 22.67
C LEU A 155 -3.15 -1.43 23.76
N GLU A 156 -2.49 -0.91 24.80
CA GLU A 156 -3.16 -0.27 25.92
C GLU A 156 -3.97 0.90 25.38
N ASP A 157 -3.33 1.74 24.57
CA ASP A 157 -3.97 2.88 23.93
C ASP A 157 -5.12 2.47 23.00
N VAL A 158 -5.02 1.24 22.47
CA VAL A 158 -6.05 0.74 21.59
C VAL A 158 -7.31 0.43 22.40
N ARG A 159 -7.14 -0.35 23.50
CA ARG A 159 -8.23 -0.65 24.43
C ARG A 159 -8.88 0.63 24.97
N GLU A 160 -8.05 1.67 25.20
CA GLU A 160 -8.48 2.98 25.68
C GLU A 160 -9.38 3.63 24.63
N THR A 161 -8.96 3.62 23.35
CA THR A 161 -9.67 4.39 22.33
C THR A 161 -10.88 3.65 21.79
N VAL A 162 -10.76 2.33 21.59
CA VAL A 162 -11.87 1.54 21.07
C VAL A 162 -12.86 1.30 22.20
N THR A 163 -14.11 1.73 21.97
CA THR A 163 -15.17 1.51 22.95
C THR A 163 -16.23 0.59 22.35
N SER A 164 -17.26 0.31 23.15
CA SER A 164 -18.29 -0.55 22.60
C SER A 164 -19.24 0.25 21.71
N ASN A 165 -18.97 1.57 21.53
CA ASN A 165 -19.62 2.33 20.45
C ASN A 165 -18.78 2.40 19.16
N THR A 166 -17.60 1.78 19.16
CA THR A 166 -16.78 1.78 17.96
C THR A 166 -17.33 0.76 16.94
N LYS A 167 -17.66 1.24 15.73
CA LYS A 167 -18.13 0.36 14.68
C LYS A 167 -16.95 -0.04 13.76
N ILE A 168 -16.00 0.87 13.58
CA ILE A 168 -14.92 0.61 12.65
C ILE A 168 -13.59 1.05 13.26
N VAL A 169 -12.60 0.15 13.23
CA VAL A 169 -11.21 0.54 13.42
C VAL A 169 -10.50 0.45 12.06
N ALA A 170 -9.78 1.52 11.68
CA ALA A 170 -9.07 1.58 10.40
C ALA A 170 -7.64 2.01 10.67
N VAL A 171 -6.68 1.15 10.29
CA VAL A 171 -5.30 1.39 10.65
C VAL A 171 -4.44 0.80 9.54
N SER A 172 -3.21 1.28 9.51
CA SER A 172 -2.31 0.84 8.49
C SER A 172 -1.48 -0.35 8.96
N HIS A 173 -1.20 -1.26 8.02
CA HIS A 173 -0.38 -2.41 8.38
C HIS A 173 1.05 -1.98 8.72
N VAL A 174 1.66 -1.25 7.77
CA VAL A 174 2.98 -0.66 7.84
C VAL A 174 2.87 0.82 7.42
N SER A 175 3.54 1.68 8.21
CA SER A 175 3.48 3.12 7.98
C SER A 175 4.35 3.47 6.78
N ASN A 176 3.86 4.33 5.89
CA ASN A 176 4.67 4.70 4.72
C ASN A 176 5.70 5.76 5.11
N VAL A 177 5.66 6.23 6.37
CA VAL A 177 6.56 7.29 6.81
C VAL A 177 7.53 6.85 7.91
N LEU A 178 6.99 6.23 8.98
CA LEU A 178 7.72 5.82 10.18
C LEU A 178 8.38 4.47 9.98
N GLY A 179 7.82 3.63 9.06
CA GLY A 179 8.31 2.26 8.88
C GLY A 179 7.78 1.26 9.90
N THR A 180 6.92 1.73 10.81
CA THR A 180 6.37 0.93 11.88
C THR A 180 5.53 -0.19 11.29
N VAL A 181 5.66 -1.42 11.84
CA VAL A 181 4.77 -2.51 11.54
C VAL A 181 3.76 -2.58 12.68
N ASN A 182 2.49 -2.26 12.42
CA ASN A 182 1.52 -2.16 13.49
C ASN A 182 1.05 -3.54 13.95
N PRO A 183 0.62 -3.72 15.23
CA PRO A 183 0.10 -5.01 15.70
C PRO A 183 -1.35 -5.31 15.29
N ILE A 184 -1.53 -5.54 13.98
CA ILE A 184 -2.78 -5.67 13.27
C ILE A 184 -3.58 -6.81 13.91
N LYS A 185 -2.92 -7.95 14.12
CA LYS A 185 -3.64 -9.10 14.65
C LYS A 185 -4.26 -8.80 16.03
N GLU A 186 -3.50 -8.20 16.94
CA GLU A 186 -3.99 -7.91 18.28
C GLU A 186 -5.03 -6.81 18.15
N MET A 187 -4.81 -5.87 17.20
CA MET A 187 -5.83 -4.86 16.97
C MET A 187 -7.14 -5.47 16.45
N ALA A 188 -7.07 -6.55 15.65
CA ALA A 188 -8.32 -7.15 15.16
C ALA A 188 -9.09 -7.73 16.35
N LYS A 189 -8.36 -8.38 17.27
CA LYS A 189 -8.97 -8.92 18.47
C LYS A 189 -9.69 -7.80 19.28
N ILE A 190 -9.03 -6.66 19.54
CA ILE A 190 -9.65 -5.60 20.33
C ILE A 190 -10.86 -5.03 19.60
N ALA A 191 -10.74 -4.87 18.27
CA ALA A 191 -11.85 -4.40 17.48
C ALA A 191 -13.08 -5.28 17.71
N HIS A 192 -12.87 -6.59 17.56
CA HIS A 192 -13.95 -7.56 17.57
C HIS A 192 -14.55 -7.64 18.98
N ASP A 193 -13.69 -7.75 20.01
CA ASP A 193 -14.14 -7.72 21.41
C ASP A 193 -15.11 -6.57 21.65
N ASN A 194 -14.99 -5.43 20.94
CA ASN A 194 -15.90 -4.31 21.18
C ASN A 194 -17.03 -4.23 20.18
N GLY A 195 -17.18 -5.22 19.28
CA GLY A 195 -18.23 -5.17 18.28
C GLY A 195 -17.92 -4.36 17.00
N ALA A 196 -16.62 -4.09 16.69
CA ALA A 196 -16.18 -3.34 15.52
C ALA A 196 -15.63 -4.28 14.45
N VAL A 197 -15.65 -3.81 13.19
CA VAL A 197 -14.80 -4.40 12.14
C VAL A 197 -13.46 -3.65 12.11
N ILE A 198 -12.41 -4.31 11.64
CA ILE A 198 -11.16 -3.60 11.36
C ILE A 198 -10.85 -3.61 9.85
N VAL A 199 -10.43 -2.43 9.37
CA VAL A 199 -10.07 -2.15 7.99
C VAL A 199 -8.57 -1.89 7.99
N VAL A 200 -7.83 -2.69 7.22
CA VAL A 200 -6.40 -2.62 7.20
C VAL A 200 -5.92 -2.07 5.85
N ASP A 201 -5.20 -0.95 5.96
CA ASP A 201 -4.50 -0.32 4.85
C ASP A 201 -3.17 -1.05 4.67
N GLY A 202 -3.17 -1.95 3.65
CA GLY A 202 -2.06 -2.81 3.32
C GLY A 202 -1.16 -2.35 2.15
N ALA A 203 -1.23 -1.07 1.75
CA ALA A 203 -0.48 -0.59 0.59
C ALA A 203 1.03 -0.75 0.83
N GLN A 204 1.53 -0.45 2.04
CA GLN A 204 2.97 -0.52 2.26
C GLN A 204 3.41 -1.92 2.75
N SER A 205 2.48 -2.71 3.30
CA SER A 205 2.90 -4.02 3.80
C SER A 205 2.99 -5.04 2.65
N THR A 206 1.91 -5.16 1.89
CA THR A 206 1.74 -6.17 0.86
C THR A 206 2.99 -6.36 -0.01
N PRO A 207 3.69 -5.33 -0.55
CA PRO A 207 4.78 -5.59 -1.50
C PRO A 207 5.98 -6.26 -0.84
N HIS A 208 6.07 -6.11 0.51
CA HIS A 208 7.33 -6.21 1.27
C HIS A 208 7.36 -7.39 2.27
N MET A 209 6.20 -8.02 2.55
CA MET A 209 6.13 -9.07 3.57
C MET A 209 4.88 -9.90 3.27
N LYS A 210 4.95 -11.16 3.72
CA LYS A 210 3.90 -12.16 3.56
C LYS A 210 2.62 -11.62 4.18
N ILE A 211 1.48 -11.75 3.46
CA ILE A 211 0.20 -11.34 4.03
C ILE A 211 -0.66 -12.58 4.22
N ASP A 212 -1.26 -12.71 5.40
CA ASP A 212 -2.16 -13.82 5.67
C ASP A 212 -3.42 -13.32 6.37
N VAL A 213 -4.48 -13.05 5.60
CA VAL A 213 -5.67 -12.43 6.15
C VAL A 213 -6.40 -13.40 7.10
N GLN A 214 -6.13 -14.71 6.98
CA GLN A 214 -6.69 -15.71 7.91
C GLN A 214 -6.09 -15.51 9.31
N ASP A 215 -4.75 -15.43 9.38
CA ASP A 215 -4.03 -15.15 10.59
C ASP A 215 -4.32 -13.75 11.14
N LEU A 216 -4.39 -12.70 10.30
CA LEU A 216 -4.59 -11.35 10.81
C LEU A 216 -6.05 -11.15 11.25
N ASP A 217 -6.98 -11.94 10.68
CA ASP A 217 -8.39 -11.83 10.98
C ASP A 217 -8.91 -10.42 10.69
N CYS A 218 -8.27 -9.68 9.76
CA CYS A 218 -8.83 -8.42 9.30
C CYS A 218 -10.17 -8.62 8.57
N ASP A 219 -11.09 -7.63 8.69
CA ASP A 219 -12.39 -7.67 8.04
C ASP A 219 -12.28 -7.16 6.60
N PHE A 220 -11.40 -6.20 6.39
CA PHE A 220 -11.08 -5.66 5.09
C PHE A 220 -9.59 -5.37 5.05
N PHE A 221 -9.01 -5.48 3.84
CA PHE A 221 -7.59 -5.25 3.60
C PHE A 221 -7.44 -4.73 2.17
N ALA A 222 -6.66 -3.65 2.02
CA ALA A 222 -6.54 -2.91 0.77
C ALA A 222 -5.06 -2.86 0.33
N LEU A 223 -4.84 -2.98 -0.99
CA LEU A 223 -3.47 -2.97 -1.50
C LEU A 223 -3.42 -2.41 -2.93
N SER A 224 -2.23 -2.02 -3.39
CA SER A 224 -1.99 -1.35 -4.67
C SER A 224 -0.92 -2.13 -5.46
N SER A 225 -1.26 -2.52 -6.70
CA SER A 225 -0.35 -3.20 -7.62
C SER A 225 0.94 -2.40 -7.84
N HIS A 226 0.82 -1.07 -8.01
CA HIS A 226 1.97 -0.29 -8.44
C HIS A 226 3.10 -0.37 -7.41
N LYS A 227 2.77 -0.65 -6.15
CA LYS A 227 3.81 -0.66 -5.10
C LYS A 227 4.51 -2.02 -5.02
N MET A 228 3.99 -3.04 -5.73
CA MET A 228 4.47 -4.40 -5.59
C MET A 228 4.86 -4.98 -6.95
N CYS A 229 5.59 -4.24 -7.80
CA CYS A 229 6.15 -4.76 -9.09
C CYS A 229 5.07 -4.94 -10.15
N GLY A 230 3.86 -4.45 -9.85
CA GLY A 230 2.76 -4.70 -10.75
C GLY A 230 2.35 -3.42 -11.52
N PRO A 231 1.41 -3.53 -12.48
CA PRO A 231 1.04 -2.35 -13.29
C PRO A 231 0.38 -1.27 -12.44
N THR A 232 0.40 -0.03 -12.94
CA THR A 232 -0.40 1.06 -12.40
C THR A 232 -1.90 0.90 -12.64
N GLY A 233 -2.69 1.54 -11.75
CA GLY A 233 -4.12 1.55 -12.03
C GLY A 233 -4.82 0.32 -11.46
N VAL A 234 -4.11 -0.50 -10.68
CA VAL A 234 -4.87 -1.64 -10.18
C VAL A 234 -4.60 -1.89 -8.71
N GLY A 235 -5.69 -2.26 -8.02
CA GLY A 235 -5.56 -2.67 -6.64
C GLY A 235 -6.54 -3.78 -6.27
N VAL A 236 -6.54 -4.10 -4.97
CA VAL A 236 -7.48 -5.09 -4.49
C VAL A 236 -8.18 -4.55 -3.24
N LEU A 237 -9.47 -4.88 -3.12
CA LEU A 237 -10.17 -4.86 -1.84
C LEU A 237 -10.43 -6.32 -1.46
N TYR A 238 -9.84 -6.75 -0.35
CA TYR A 238 -10.29 -8.00 0.26
C TYR A 238 -11.36 -7.65 1.32
N GLY A 239 -12.44 -8.42 1.40
CA GLY A 239 -13.34 -8.28 2.54
C GLY A 239 -13.91 -9.65 2.92
N LYS A 240 -14.17 -9.90 4.21
CA LYS A 240 -14.81 -11.15 4.63
C LYS A 240 -16.09 -11.35 3.82
N LYS A 241 -16.29 -12.58 3.31
CA LYS A 241 -17.44 -12.83 2.44
C LYS A 241 -18.76 -12.40 3.10
N ALA A 242 -18.88 -12.56 4.43
CA ALA A 242 -20.18 -12.31 5.06
C ALA A 242 -20.46 -10.80 5.05
N LEU A 243 -19.41 -9.98 5.21
CA LEU A 243 -19.59 -8.54 5.14
C LEU A 243 -19.88 -8.07 3.72
N LEU A 244 -19.14 -8.56 2.71
CA LEU A 244 -19.36 -8.14 1.32
C LEU A 244 -20.74 -8.57 0.86
N GLU A 245 -21.25 -9.72 1.35
CA GLU A 245 -22.61 -10.14 0.94
C GLU A 245 -23.64 -9.08 1.35
N ASN A 246 -23.41 -8.35 2.45
CA ASN A 246 -24.43 -7.45 3.00
C ASN A 246 -24.26 -5.99 2.54
N MET A 247 -23.13 -5.67 1.93
CA MET A 247 -22.80 -4.34 1.40
C MET A 247 -23.42 -4.17 0.01
N GLU A 248 -24.02 -3.01 -0.22
CA GLU A 248 -24.47 -2.62 -1.55
C GLU A 248 -23.24 -2.26 -2.38
N PRO A 249 -23.28 -2.42 -3.72
CA PRO A 249 -22.21 -1.91 -4.59
C PRO A 249 -21.94 -0.41 -4.43
N ALA A 250 -20.70 0.03 -4.75
CA ALA A 250 -20.28 1.43 -4.68
C ALA A 250 -20.49 2.12 -6.04
N GLU A 251 -20.51 1.33 -7.14
CA GLU A 251 -20.69 1.80 -8.51
C GLU A 251 -21.67 0.84 -9.18
N PHE A 252 -22.38 1.33 -10.21
CA PHE A 252 -23.46 0.59 -10.86
C PHE A 252 -23.25 0.64 -12.36
N GLY A 253 -23.63 -0.46 -13.03
CA GLY A 253 -23.52 -0.48 -14.48
C GLY A 253 -23.57 -1.88 -15.06
N GLY A 254 -23.01 -2.03 -16.27
CA GLY A 254 -22.92 -3.37 -16.85
C GLY A 254 -22.00 -4.24 -15.99
N GLU A 255 -22.09 -5.55 -16.24
CA GLU A 255 -21.19 -6.54 -15.65
C GLU A 255 -21.53 -6.85 -14.20
N MET A 256 -22.06 -5.88 -13.44
CA MET A 256 -22.27 -6.12 -12.01
C MET A 256 -23.76 -6.40 -11.73
N ILE A 257 -24.57 -6.47 -12.79
CA ILE A 257 -26.01 -6.71 -12.70
C ILE A 257 -26.37 -8.12 -13.13
N ASP A 258 -27.54 -8.53 -12.69
CA ASP A 258 -28.20 -9.75 -13.06
C ASP A 258 -29.45 -9.40 -13.91
N PHE A 259 -30.50 -8.83 -13.32
CA PHE A 259 -31.64 -8.38 -14.12
C PHE A 259 -31.70 -6.84 -14.08
N VAL A 260 -31.92 -6.22 -15.25
CA VAL A 260 -32.15 -4.78 -15.31
C VAL A 260 -33.58 -4.57 -15.80
N GLY A 261 -34.45 -3.98 -14.94
CA GLY A 261 -35.72 -3.44 -15.43
C GLY A 261 -35.59 -1.92 -15.69
N LEU A 262 -36.70 -1.25 -16.02
CA LEU A 262 -36.74 0.19 -16.25
C LEU A 262 -36.31 0.96 -15.00
N TYR A 263 -36.71 0.52 -13.78
CA TYR A 263 -36.52 1.32 -12.56
C TYR A 263 -35.67 0.65 -11.48
N GLU A 264 -35.59 -0.69 -11.51
CA GLU A 264 -35.01 -1.55 -10.47
C GLU A 264 -34.14 -2.60 -11.14
N SER A 265 -33.01 -2.93 -10.50
CA SER A 265 -32.08 -3.93 -11.04
C SER A 265 -31.71 -4.89 -9.93
N THR A 266 -31.23 -6.09 -10.23
CA THR A 266 -30.60 -6.92 -9.20
C THR A 266 -29.13 -7.16 -9.55
N TRP A 267 -28.30 -7.55 -8.56
CA TRP A 267 -26.84 -7.59 -8.71
C TRP A 267 -26.33 -9.00 -9.01
N LYS A 268 -25.12 -9.09 -9.60
CA LYS A 268 -24.39 -10.35 -9.67
C LYS A 268 -24.03 -10.89 -8.28
N GLU A 269 -23.66 -12.16 -8.18
CA GLU A 269 -22.97 -12.69 -6.99
C GLU A 269 -21.59 -12.00 -6.83
N LEU A 270 -20.99 -12.12 -5.63
CA LEU A 270 -19.61 -11.74 -5.42
C LEU A 270 -18.72 -12.59 -6.32
N PRO A 271 -17.55 -12.10 -6.77
CA PRO A 271 -17.12 -10.73 -6.54
C PRO A 271 -17.64 -9.70 -7.53
N TRP A 272 -18.28 -10.17 -8.62
CA TRP A 272 -18.68 -9.30 -9.72
C TRP A 272 -19.63 -8.18 -9.28
N LYS A 273 -20.46 -8.42 -8.26
CA LYS A 273 -21.24 -7.35 -7.63
C LYS A 273 -20.45 -6.03 -7.55
N PHE A 274 -19.15 -6.10 -7.28
CA PHE A 274 -18.40 -4.89 -6.99
C PHE A 274 -17.51 -4.45 -8.15
N GLU A 275 -17.70 -5.01 -9.37
CA GLU A 275 -16.84 -4.71 -10.52
C GLU A 275 -17.72 -4.22 -11.70
N ALA A 276 -17.94 -2.90 -11.76
CA ALA A 276 -18.88 -2.28 -12.68
C ALA A 276 -18.11 -1.97 -13.98
N GLY A 277 -18.69 -2.33 -15.14
CA GLY A 277 -18.08 -1.91 -16.40
C GLY A 277 -16.92 -2.81 -16.85
N THR A 278 -16.38 -2.55 -18.06
CA THR A 278 -15.24 -3.34 -18.51
C THR A 278 -14.14 -3.26 -17.46
N PRO A 279 -13.57 -4.39 -16.99
CA PRO A 279 -12.64 -4.29 -15.86
C PRO A 279 -11.21 -3.99 -16.31
N ILE A 280 -10.25 -3.93 -15.34
CA ILE A 280 -8.85 -3.60 -15.60
C ILE A 280 -8.12 -4.86 -16.10
N ILE A 281 -8.38 -5.23 -17.35
CA ILE A 281 -8.07 -6.57 -17.73
C ILE A 281 -6.56 -6.75 -17.75
N ALA A 282 -5.84 -5.95 -18.56
CA ALA A 282 -4.41 -6.22 -18.69
C ALA A 282 -3.71 -6.00 -17.34
N GLY A 283 -4.11 -4.94 -16.60
CA GLY A 283 -3.54 -4.61 -15.32
C GLY A 283 -3.64 -5.76 -14.30
N ALA A 284 -4.84 -6.34 -14.17
CA ALA A 284 -5.00 -7.43 -13.22
C ALA A 284 -4.13 -8.60 -13.66
N ILE A 285 -4.10 -8.90 -14.97
CA ILE A 285 -3.28 -10.02 -15.42
C ILE A 285 -1.80 -9.76 -15.09
N GLY A 286 -1.32 -8.52 -15.28
CA GLY A 286 0.06 -8.16 -14.94
C GLY A 286 0.26 -8.19 -13.42
N LEU A 287 -0.77 -7.85 -12.64
CA LEU A 287 -0.66 -7.97 -11.20
C LEU A 287 -0.44 -9.47 -10.84
N GLY A 288 -1.18 -10.35 -11.51
CA GLY A 288 -0.94 -11.79 -11.38
C GLY A 288 0.51 -12.20 -11.66
N ALA A 289 1.08 -11.68 -12.75
CA ALA A 289 2.48 -11.93 -13.08
C ALA A 289 3.39 -11.40 -11.98
N ALA A 290 3.02 -10.24 -11.42
CA ALA A 290 3.89 -9.68 -10.41
C ALA A 290 3.92 -10.63 -9.19
N ILE A 291 2.74 -11.14 -8.81
CA ILE A 291 2.57 -12.04 -7.70
C ILE A 291 3.37 -13.32 -8.02
N ASP A 292 3.32 -13.84 -9.27
CA ASP A 292 4.10 -15.05 -9.55
C ASP A 292 5.58 -14.78 -9.31
N PHE A 293 6.02 -13.59 -9.68
CA PHE A 293 7.42 -13.22 -9.60
C PHE A 293 7.89 -13.15 -8.14
N LEU A 294 7.13 -12.43 -7.30
CA LEU A 294 7.45 -12.24 -5.88
C LEU A 294 7.40 -13.60 -5.13
N GLU A 295 6.41 -14.46 -5.44
CA GLU A 295 6.31 -15.74 -4.75
C GLU A 295 7.51 -16.61 -5.09
N GLU A 296 7.97 -16.54 -6.35
CA GLU A 296 9.13 -17.28 -6.81
C GLU A 296 10.38 -16.81 -6.07
N ILE A 297 10.52 -15.52 -5.75
CA ILE A 297 11.65 -15.14 -4.91
C ILE A 297 11.38 -15.53 -3.44
N GLY A 298 10.15 -15.33 -2.99
CA GLY A 298 9.72 -15.58 -1.61
C GLY A 298 9.57 -14.28 -0.83
N LEU A 299 8.37 -14.02 -0.27
CA LEU A 299 8.14 -12.81 0.51
C LEU A 299 9.03 -12.74 1.74
N ASP A 300 9.28 -13.89 2.40
CA ASP A 300 10.18 -13.97 3.56
C ASP A 300 11.59 -13.56 3.15
N GLU A 301 12.10 -14.05 2.01
CA GLU A 301 13.40 -13.63 1.50
C GLU A 301 13.40 -12.11 1.29
N ILE A 302 12.37 -11.58 0.62
CA ILE A 302 12.38 -10.15 0.34
C ILE A 302 12.43 -9.37 1.67
N SER A 303 11.62 -9.81 2.63
CA SER A 303 11.57 -9.27 3.99
C SER A 303 12.94 -9.29 4.73
N ARG A 304 13.63 -10.43 4.74
CA ARG A 304 14.97 -10.57 5.30
C ARG A 304 15.90 -9.54 4.64
N HIS A 305 15.88 -9.46 3.30
CA HIS A 305 16.69 -8.50 2.55
C HIS A 305 16.45 -7.09 3.07
N GLU A 306 15.17 -6.72 3.27
CA GLU A 306 14.81 -5.37 3.71
C GLU A 306 15.23 -5.10 5.16
N HIS A 307 15.11 -6.14 6.04
CA HIS A 307 15.63 -6.09 7.41
C HIS A 307 17.12 -5.71 7.34
N LYS A 308 17.87 -6.35 6.44
CA LYS A 308 19.30 -6.05 6.34
C LYS A 308 19.47 -4.63 5.85
N LEU A 309 18.68 -4.18 4.84
CA LEU A 309 18.98 -2.83 4.35
C LEU A 309 18.60 -1.80 5.42
N ALA A 310 17.47 -2.05 6.09
CA ALA A 310 17.01 -1.08 7.09
C ALA A 310 17.99 -0.98 8.28
N ALA A 311 18.46 -2.15 8.79
CA ALA A 311 19.40 -2.12 9.89
C ALA A 311 20.67 -1.36 9.46
N TYR A 312 21.21 -1.70 8.28
CA TYR A 312 22.40 -1.02 7.72
C TYR A 312 22.14 0.49 7.57
N ALA A 313 21.02 0.85 6.96
CA ALA A 313 20.68 2.27 6.82
C ALA A 313 20.58 2.96 8.18
N LEU A 314 19.89 2.34 9.15
CA LEU A 314 19.77 3.07 10.41
C LEU A 314 21.15 3.31 11.04
N GLU A 315 22.04 2.29 10.97
CA GLU A 315 23.40 2.43 11.50
C GLU A 315 24.16 3.58 10.79
N ARG A 316 24.14 3.57 9.44
CA ARG A 316 24.96 4.54 8.73
C ARG A 316 24.36 5.94 8.85
N PHE A 317 23.04 6.02 9.10
CA PHE A 317 22.46 7.34 9.34
C PHE A 317 22.93 7.87 10.70
N ARG A 318 23.08 6.99 11.71
CA ARG A 318 23.52 7.45 13.02
C ARG A 318 25.00 7.83 12.98
N GLN A 319 25.71 7.58 11.86
CA GLN A 319 27.11 8.00 11.76
C GLN A 319 27.16 9.43 11.25
N LEU A 320 26.02 10.07 10.91
CA LEU A 320 26.00 11.45 10.41
C LEU A 320 25.60 12.41 11.52
N ASP A 321 26.31 13.53 11.67
CA ASP A 321 25.83 14.56 12.58
C ASP A 321 24.77 15.37 11.86
N GLY A 322 23.84 15.96 12.64
CA GLY A 322 22.82 16.84 12.12
C GLY A 322 21.74 16.15 11.28
N VAL A 323 21.40 14.90 11.62
CA VAL A 323 20.44 14.14 10.83
C VAL A 323 19.48 13.52 11.84
N THR A 324 18.18 13.82 11.72
CA THR A 324 17.16 13.18 12.55
C THR A 324 16.43 12.14 11.71
N VAL A 325 16.23 10.95 12.30
CA VAL A 325 15.49 9.88 11.68
C VAL A 325 14.21 9.75 12.50
N TYR A 326 13.04 9.53 11.88
CA TYR A 326 11.77 9.42 12.59
C TYR A 326 11.32 7.96 12.70
N GLY A 327 10.70 7.60 13.84
CA GLY A 327 10.09 6.29 13.98
C GLY A 327 10.95 5.26 14.73
N PRO A 328 10.53 3.98 14.82
CA PRO A 328 11.18 3.02 15.70
C PRO A 328 12.39 2.36 15.04
N GLU A 329 13.13 1.63 15.87
CA GLU A 329 14.29 0.83 15.49
C GLU A 329 13.87 -0.38 14.64
N GLU A 330 12.82 -1.09 15.09
CA GLU A 330 12.29 -2.23 14.36
C GLU A 330 11.34 -1.68 13.31
N ARG A 331 11.63 -1.97 12.03
CA ARG A 331 10.96 -1.23 10.97
C ARG A 331 10.95 -2.01 9.67
N ALA A 332 10.02 -1.62 8.77
CA ALA A 332 10.06 -1.98 7.36
C ALA A 332 11.23 -1.24 6.68
N GLY A 333 11.39 -1.48 5.35
CA GLY A 333 12.53 -1.04 4.56
C GLY A 333 12.44 0.40 4.06
N LEU A 334 12.42 1.38 4.99
CA LEU A 334 12.52 2.79 4.60
C LEU A 334 12.98 3.62 5.82
N VAL A 335 13.38 4.86 5.55
CA VAL A 335 13.91 5.80 6.50
C VAL A 335 13.44 7.19 6.07
N THR A 336 12.65 7.85 6.94
CA THR A 336 12.27 9.24 6.77
C THR A 336 13.14 10.08 7.72
N PHE A 337 13.59 11.25 7.27
CA PHE A 337 14.64 11.94 8.00
C PHE A 337 14.62 13.42 7.61
N ASN A 338 15.43 14.22 8.32
CA ASN A 338 15.75 15.59 7.95
C ASN A 338 17.20 15.87 8.30
N LEU A 339 17.85 16.69 7.47
CA LEU A 339 19.09 17.35 7.81
C LEU A 339 18.73 18.62 8.57
N ASP A 340 19.35 18.85 9.74
CA ASP A 340 19.20 20.10 10.46
C ASP A 340 19.51 21.26 9.52
N ASP A 341 18.65 22.27 9.49
CA ASP A 341 18.95 23.44 8.66
C ASP A 341 19.16 23.10 7.16
N VAL A 342 18.62 22.01 6.59
CA VAL A 342 18.46 21.99 5.14
C VAL A 342 17.02 21.56 4.86
N HIS A 343 16.29 22.36 4.07
CA HIS A 343 14.93 21.93 3.76
C HIS A 343 14.95 20.60 2.99
N PRO A 344 14.09 19.61 3.30
CA PRO A 344 14.12 18.33 2.56
C PRO A 344 13.91 18.45 1.04
N HIS A 345 13.12 19.41 0.58
CA HIS A 345 13.06 19.68 -0.85
C HIS A 345 14.46 19.84 -1.45
N ASP A 346 15.33 20.62 -0.76
CA ASP A 346 16.68 20.86 -1.23
C ASP A 346 17.57 19.62 -1.17
N VAL A 347 17.44 18.85 -0.08
CA VAL A 347 18.10 17.57 0.02
C VAL A 347 17.74 16.70 -1.20
N ALA A 348 16.44 16.56 -1.48
CA ALA A 348 15.99 15.76 -2.63
C ALA A 348 16.56 16.30 -3.94
N THR A 349 16.62 17.63 -4.12
CA THR A 349 17.11 18.22 -5.38
C THR A 349 18.58 17.86 -5.57
N VAL A 350 19.34 18.07 -4.47
CA VAL A 350 20.76 17.78 -4.51
C VAL A 350 21.02 16.29 -4.71
N LEU A 351 20.22 15.42 -4.05
CA LEU A 351 20.36 13.97 -4.28
C LEU A 351 20.11 13.60 -5.75
N ASP A 352 19.11 14.19 -6.43
CA ASP A 352 18.84 13.88 -7.83
C ASP A 352 20.03 14.23 -8.72
N ALA A 353 20.70 15.36 -8.47
CA ALA A 353 21.90 15.71 -9.22
C ALA A 353 22.95 14.61 -9.07
N GLU A 354 22.88 13.78 -8.00
CA GLU A 354 23.87 12.73 -7.84
C GLU A 354 23.33 11.38 -8.34
N GLY A 355 22.15 11.38 -9.01
CA GLY A 355 21.53 10.16 -9.49
C GLY A 355 20.48 9.57 -8.54
N ILE A 356 20.30 10.17 -7.36
CA ILE A 356 19.61 9.48 -6.28
C ILE A 356 18.19 9.96 -6.17
N ALA A 357 17.25 9.02 -6.30
CA ALA A 357 15.82 9.36 -6.26
C ALA A 357 15.24 9.12 -4.85
N VAL A 358 14.87 10.21 -4.13
CA VAL A 358 14.11 10.10 -2.89
C VAL A 358 12.89 11.01 -2.99
N ARG A 359 12.02 10.99 -1.97
CA ARG A 359 10.83 11.81 -1.92
C ARG A 359 10.99 12.85 -0.81
N ALA A 360 10.49 14.08 -1.02
CA ALA A 360 10.46 15.16 0.00
C ALA A 360 9.00 15.66 0.12
N GLY A 361 8.46 16.03 1.30
CA GLY A 361 7.11 16.57 1.41
C GLY A 361 6.40 16.00 2.63
N HIS A 362 5.08 15.79 2.53
CA HIS A 362 4.23 15.35 3.64
C HIS A 362 4.05 13.83 3.58
N HIS A 363 4.48 13.23 2.45
CA HIS A 363 4.20 11.83 2.17
C HIS A 363 2.72 11.47 2.37
N CYS A 364 1.81 12.42 2.05
CA CYS A 364 0.38 12.20 2.22
C CYS A 364 0.02 11.81 3.67
N ALA A 365 0.76 12.36 4.65
CA ALA A 365 0.47 12.15 6.07
C ALA A 365 0.63 13.46 6.80
N GLN A 366 -0.22 14.46 6.46
CA GLN A 366 -0.12 15.79 7.06
C GLN A 366 -0.30 15.72 8.59
N PRO A 367 -1.36 15.05 9.13
CA PRO A 367 -1.45 14.86 10.58
C PRO A 367 -0.18 14.28 11.22
N LEU A 368 0.47 13.32 10.54
CA LEU A 368 1.65 12.73 11.11
C LEU A 368 2.75 13.78 11.22
N MET A 369 2.85 14.68 10.24
CA MET A 369 3.96 15.61 10.21
C MET A 369 3.84 16.63 11.36
N LYS A 370 2.56 16.95 11.66
CA LYS A 370 2.17 17.87 12.72
C LYS A 370 2.58 17.25 14.07
N TRP A 371 2.19 15.99 14.29
CA TRP A 371 2.65 15.17 15.40
C TRP A 371 4.19 15.09 15.49
N LEU A 372 4.89 14.99 14.36
CA LEU A 372 6.34 14.99 14.39
C LEU A 372 6.86 16.41 14.62
N ASP A 373 5.94 17.41 14.72
CA ASP A 373 6.35 18.79 14.82
C ASP A 373 7.33 19.17 13.69
N VAL A 374 7.09 18.74 12.43
CA VAL A 374 7.83 19.25 11.27
C VAL A 374 6.81 19.65 10.20
N THR A 375 7.24 20.41 9.18
CA THR A 375 6.37 20.71 8.07
C THR A 375 6.64 19.81 6.85
N ALA A 376 7.77 19.08 6.86
CA ALA A 376 8.16 18.27 5.72
C ALA A 376 9.33 17.38 6.11
N THR A 377 9.51 16.27 5.39
CA THR A 377 10.65 15.41 5.65
C THR A 377 11.12 14.85 4.31
N ALA A 378 12.27 14.17 4.35
CA ALA A 378 12.80 13.47 3.18
C ALA A 378 12.70 11.98 3.44
N ARG A 379 12.61 11.15 2.39
CA ARG A 379 12.42 9.73 2.67
C ARG A 379 13.12 8.88 1.62
N ALA A 380 13.87 7.88 2.10
CA ALA A 380 14.44 6.88 1.22
C ALA A 380 13.68 5.59 1.51
N SER A 381 13.19 4.93 0.46
CA SER A 381 12.44 3.69 0.63
C SER A 381 13.02 2.58 -0.24
N PHE A 382 13.06 1.33 0.27
CA PHE A 382 13.84 0.27 -0.35
C PHE A 382 12.94 -0.81 -0.95
N TYR A 383 13.52 -1.64 -1.81
CA TYR A 383 12.78 -2.81 -2.26
C TYR A 383 13.80 -3.89 -2.59
N LEU A 384 13.36 -4.93 -3.32
CA LEU A 384 14.12 -6.14 -3.46
C LEU A 384 15.31 -5.93 -4.37
N TYR A 385 15.32 -4.80 -5.12
CA TYR A 385 16.41 -4.49 -6.03
C TYR A 385 17.47 -3.57 -5.43
N ASN A 386 17.25 -3.07 -4.20
CA ASN A 386 18.24 -2.18 -3.60
C ASN A 386 19.37 -2.94 -2.85
N THR A 387 20.51 -2.22 -2.72
CA THR A 387 21.74 -2.75 -2.17
C THR A 387 22.30 -1.77 -1.13
N GLU A 388 23.14 -2.32 -0.25
CA GLU A 388 23.98 -1.58 0.69
C GLU A 388 24.89 -0.59 0.00
N GLU A 389 25.51 -0.96 -1.13
CA GLU A 389 26.30 0.00 -1.91
C GLU A 389 25.41 1.23 -2.19
N GLU A 390 24.12 1.04 -2.49
CA GLU A 390 23.30 2.21 -2.84
C GLU A 390 23.02 3.05 -1.59
N ILE A 391 22.94 2.36 -0.43
CA ILE A 391 22.81 3.08 0.85
C ILE A 391 24.08 3.88 1.20
N ASP A 392 25.26 3.32 0.84
CA ASP A 392 26.53 4.06 0.95
C ASP A 392 26.46 5.36 0.13
N LYS A 393 25.98 5.26 -1.14
CA LYS A 393 25.92 6.47 -1.96
C LYS A 393 24.98 7.48 -1.33
N LEU A 394 23.91 7.01 -0.68
CA LEU A 394 22.94 7.93 -0.15
C LEU A 394 23.58 8.69 1.00
N VAL A 395 24.24 7.93 1.91
CA VAL A 395 24.80 8.55 3.10
C VAL A 395 26.00 9.43 2.71
N GLU A 396 26.82 8.96 1.75
CA GLU A 396 27.87 9.81 1.20
C GLU A 396 27.28 11.11 0.61
N ALA A 397 26.20 11.00 -0.16
CA ALA A 397 25.59 12.21 -0.71
C ALA A 397 25.04 13.12 0.40
N LEU A 398 24.52 12.55 1.52
CA LEU A 398 23.97 13.43 2.55
C LEU A 398 25.09 14.21 3.24
N GLN A 399 26.22 13.54 3.50
CA GLN A 399 27.42 14.17 4.01
C GLN A 399 27.83 15.33 3.08
N LYS A 400 27.90 15.06 1.77
CA LYS A 400 28.26 16.09 0.80
C LYS A 400 27.27 17.26 0.92
N THR A 401 25.96 16.97 0.95
CA THR A 401 24.90 17.98 1.03
C THR A 401 25.11 18.90 2.24
N LYS A 402 25.31 18.29 3.43
CA LYS A 402 25.60 19.00 4.67
C LYS A 402 26.78 19.96 4.47
N GLU A 403 27.87 19.50 3.85
CA GLU A 403 29.06 20.35 3.70
C GLU A 403 28.77 21.47 2.72
N TYR A 404 28.05 21.14 1.64
CA TYR A 404 27.78 22.11 0.59
C TYR A 404 26.95 23.30 1.11
N PHE A 405 25.89 22.99 1.87
CA PHE A 405 25.06 23.99 2.50
C PHE A 405 25.76 24.71 3.65
N THR A 406 26.81 24.12 4.27
CA THR A 406 27.66 24.85 5.19
C THR A 406 28.42 25.95 4.46
N ASN A 407 28.90 25.62 3.25
CA ASN A 407 29.73 26.52 2.44
C ASN A 407 28.96 27.79 2.08
N VAL A 408 27.71 27.64 1.60
CA VAL A 408 26.79 28.73 1.25
C VAL A 408 26.69 29.73 2.42
N PHE A 409 26.28 29.31 3.64
CA PHE A 409 26.37 30.14 4.83
C PHE A 409 27.83 30.19 5.35
#